data_6NOQ
#
_entry.id   6NOQ
#
_cell.length_a   43.700
_cell.length_b   54.640
_cell.length_c   173.760
_cell.angle_alpha   90.00
_cell.angle_beta   90.00
_cell.angle_gamma   90.00
#
_symmetry.space_group_name_H-M   'P 21 21 21'
#
loop_
_entity.id
_entity.type
_entity.pdbx_description
1 polymer Phosphoglucomutase
2 non-polymer 'MAGNESIUM ION'
3 non-polymer 1-O-phosphono-alpha-D-mannopyranose
4 water water
#
_entity_poly.entity_id   1
_entity_poly.type   'polypeptide(L)'
_entity_poly.pdbx_seq_one_letter_code
;MGSSHHHHHHSSENLYFQSHMTLPAFKAYDIRGRVPDELNEDLARRIGVALAAQLDQGPVVLGHDVRLASPALQEALSAG
LRASGRDVIDIGLCGTEEVYFQTDYLKAAGGVMVTA(SEP)HNPMDYNGMKLVREQARPISSDTGLFAIRDTVAADTAAP
GEPTASEQSRTDKTAYLEHLLSYVDRSTLKPLKLVVNAGNGGAGLIVDLLAPHLPFEFVRVFHEPDGNFPNGIPNPLLPE
NRDATAKAVKDNGADFGIAWDGDFDRCFFFDHTGRFIEGYYLVGLLAQAILAKQPGGKVVHDPRLTWNTVEQVEEAGGIP
VLCKSGHAFIKEKMRSENAVYGGEMSAHHYFREFAYADSGMIPWLLIAELVSQSGRSLADLVEARMQKFPCSGEINFKVA
DAKASVARVMEHYASLSPELDYTDGISADFGQWRFNLRSSNTEPLLRLNVETRGDAALLETRTQEISNLLRG
;
_entity_poly.pdbx_strand_id   A
#
# COMPACT_ATOMS: atom_id res chain seq x y z
N MET A 21 -8.39 29.81 2.37
N MET A 21 -7.47 29.75 2.53
CA MET A 21 -7.76 28.51 2.49
CA MET A 21 -7.89 28.35 2.64
C MET A 21 -7.92 27.70 1.20
C MET A 21 -7.94 27.70 1.26
N THR A 22 -7.47 26.46 1.21
CA THR A 22 -7.64 25.56 0.07
C THR A 22 -8.46 24.37 0.54
N LEU A 23 -8.94 23.58 -0.42
CA LEU A 23 -9.79 22.45 -0.07
C LEU A 23 -8.99 21.46 0.78
N PRO A 24 -9.35 21.24 2.04
CA PRO A 24 -8.50 20.42 2.91
C PRO A 24 -8.38 18.98 2.47
N ALA A 25 -9.39 18.45 1.77
CA ALA A 25 -9.43 17.03 1.45
C ALA A 25 -8.35 16.62 0.45
N PHE A 26 -7.73 17.56 -0.26
CA PHE A 26 -6.72 17.21 -1.24
C PHE A 26 -5.37 17.11 -0.54
N LYS A 27 -4.87 15.88 -0.44
CA LYS A 27 -3.62 15.58 0.23
C LYS A 27 -2.51 15.34 -0.78
N ALA A 28 -1.34 14.95 -0.27
CA ALA A 28 -0.19 14.71 -1.15
C ALA A 28 -0.49 13.65 -2.19
N TYR A 29 -1.12 12.54 -1.78
CA TYR A 29 -1.26 11.38 -2.64
C TYR A 29 -2.70 11.09 -3.04
N ASP A 30 -3.67 11.59 -2.30
CA ASP A 30 -5.05 11.23 -2.59
C ASP A 30 -5.96 12.29 -2.00
N ILE A 31 -7.25 12.01 -2.05
CA ILE A 31 -8.29 12.88 -1.52
C ILE A 31 -8.91 12.13 -0.36
N ARG A 32 -8.98 12.78 0.79
N ARG A 32 -9.01 12.78 0.78
CA ARG A 32 -9.59 12.17 1.97
CA ARG A 32 -9.60 12.16 1.96
C ARG A 32 -10.07 13.28 2.87
C ARG A 32 -10.07 13.25 2.90
N GLY A 33 -11.30 13.13 3.37
CA GLY A 33 -11.80 14.07 4.35
C GLY A 33 -13.13 13.61 4.91
N ARG A 34 -13.60 14.39 5.88
CA ARG A 34 -14.90 14.13 6.49
C ARG A 34 -16.03 14.46 5.51
N VAL A 35 -16.98 13.53 5.38
CA VAL A 35 -18.17 13.86 4.59
C VAL A 35 -19.21 14.39 5.57
N PRO A 36 -19.94 15.45 5.22
CA PRO A 36 -19.95 16.06 3.88
C PRO A 36 -19.12 17.33 3.74
N ASP A 37 -18.46 17.80 4.79
CA ASP A 37 -17.93 19.16 4.75
C ASP A 37 -16.60 19.24 4.02
N GLU A 38 -15.83 18.15 3.99
CA GLU A 38 -14.57 18.12 3.24
C GLU A 38 -14.68 17.35 1.94
N LEU A 39 -15.64 16.45 1.82
CA LEU A 39 -15.86 15.67 0.62
C LEU A 39 -17.34 15.33 0.58
N ASN A 40 -17.95 15.44 -0.59
CA ASN A 40 -19.39 15.27 -0.73
C ASN A 40 -19.67 15.00 -2.20
N GLU A 41 -20.95 14.79 -2.53
CA GLU A 41 -21.28 14.42 -3.91
C GLU A 41 -21.04 15.58 -4.87
N ASP A 42 -21.21 16.82 -4.41
CA ASP A 42 -20.95 17.95 -5.30
C ASP A 42 -19.47 18.03 -5.65
N LEU A 43 -18.60 17.98 -4.63
CA LEU A 43 -17.16 17.96 -4.87
C LEU A 43 -16.75 16.75 -5.70
N ALA A 44 -17.31 15.59 -5.40
CA ALA A 44 -17.00 14.39 -6.18
C ALA A 44 -17.38 14.58 -7.64
N ARG A 45 -18.53 15.19 -7.90
N ARG A 45 -18.53 15.19 -7.91
CA ARG A 45 -18.94 15.41 -9.28
CA ARG A 45 -18.93 15.40 -9.29
C ARG A 45 -18.03 16.42 -9.95
C ARG A 45 -18.07 16.45 -9.97
N ARG A 46 -17.63 17.47 -9.22
CA ARG A 46 -16.73 18.44 -9.80
C ARG A 46 -15.37 17.82 -10.06
N ILE A 47 -14.93 16.92 -9.16
CA ILE A 47 -13.67 16.21 -9.36
C ILE A 47 -13.72 15.40 -10.64
N GLY A 48 -14.85 14.73 -10.90
CA GLY A 48 -15.00 14.00 -12.15
C GLY A 48 -14.92 14.91 -13.36
N VAL A 49 -15.63 16.05 -13.30
CA VAL A 49 -15.49 17.05 -14.37
C VAL A 49 -14.03 17.45 -14.51
N ALA A 50 -13.38 17.78 -13.39
CA ALA A 50 -12.02 18.29 -13.47
C ALA A 50 -11.04 17.21 -13.93
N LEU A 51 -11.28 15.96 -13.55
CA LEU A 51 -10.36 14.90 -13.93
C LEU A 51 -10.43 14.62 -15.43
N ALA A 52 -11.62 14.69 -16.01
CA ALA A 52 -11.76 14.58 -17.46
C ALA A 52 -10.81 15.51 -18.18
N ALA A 53 -10.61 16.71 -17.66
CA ALA A 53 -9.75 17.69 -18.33
C ALA A 53 -8.26 17.38 -18.19
N GLN A 54 -7.88 16.54 -17.23
N GLN A 54 -7.89 16.53 -17.24
CA GLN A 54 -6.46 16.28 -16.98
CA GLN A 54 -6.48 16.26 -16.94
C GLN A 54 -5.95 15.04 -17.69
C GLN A 54 -5.96 15.00 -17.61
N LEU A 55 -6.82 14.14 -18.13
CA LEU A 55 -6.42 12.86 -18.69
C LEU A 55 -6.32 12.91 -20.21
N ASP A 56 -5.47 12.04 -20.75
N ASP A 56 -5.47 12.03 -20.75
CA ASP A 56 -5.46 11.81 -22.18
CA ASP A 56 -5.44 11.78 -22.18
C ASP A 56 -6.76 11.12 -22.60
C ASP A 56 -6.76 11.14 -22.61
N GLN A 57 -6.90 10.85 -23.89
CA GLN A 57 -8.14 10.28 -24.39
C GLN A 57 -8.38 8.89 -23.83
N GLY A 58 -9.65 8.54 -23.65
CA GLY A 58 -10.02 7.21 -23.25
C GLY A 58 -11.03 7.20 -22.13
N PRO A 59 -11.49 6.00 -21.76
CA PRO A 59 -12.48 5.87 -20.70
C PRO A 59 -11.82 5.89 -19.33
N VAL A 60 -12.65 6.02 -18.30
CA VAL A 60 -12.20 6.11 -16.92
C VAL A 60 -12.85 4.99 -16.12
N VAL A 61 -12.02 4.23 -15.41
CA VAL A 61 -12.45 3.11 -14.58
C VAL A 61 -12.83 3.65 -13.21
N LEU A 62 -13.98 3.23 -12.70
CA LEU A 62 -14.38 3.58 -11.35
C LEU A 62 -14.61 2.35 -10.51
N GLY A 63 -14.27 2.46 -9.22
CA GLY A 63 -14.47 1.39 -8.27
C GLY A 63 -14.66 2.00 -6.90
N HIS A 64 -15.08 1.17 -5.95
CA HIS A 64 -15.31 1.67 -4.59
C HIS A 64 -15.16 0.54 -3.59
N ASP A 65 -14.95 0.93 -2.32
CA ASP A 65 -14.76 0.02 -1.21
C ASP A 65 -16.09 -0.21 -0.49
N VAL A 66 -16.03 -0.79 0.71
CA VAL A 66 -17.24 -1.24 1.38
C VAL A 66 -17.97 -0.16 2.17
N ARG A 67 -17.41 1.04 2.29
CA ARG A 67 -18.05 2.07 3.11
C ARG A 67 -19.43 2.38 2.55
N LEU A 68 -20.36 2.69 3.46
CA LEU A 68 -21.75 2.87 3.05
C LEU A 68 -21.91 4.02 2.07
N ALA A 69 -21.15 5.10 2.27
CA ALA A 69 -21.25 6.29 1.42
C ALA A 69 -20.49 6.17 0.11
N SER A 70 -19.63 5.18 -0.03
CA SER A 70 -18.77 5.10 -1.22
C SER A 70 -19.52 5.03 -2.55
N PRO A 71 -20.58 4.23 -2.71
CA PRO A 71 -21.21 4.17 -4.05
C PRO A 71 -21.77 5.49 -4.51
N ALA A 72 -22.33 6.30 -3.60
CA ALA A 72 -22.88 7.58 -4.03
C ALA A 72 -21.77 8.50 -4.51
N LEU A 73 -20.62 8.45 -3.85
CA LEU A 73 -19.48 9.24 -4.29
C LEU A 73 -18.99 8.76 -5.65
N GLN A 74 -19.06 7.45 -5.90
CA GLN A 74 -18.73 6.96 -7.23
C GLN A 74 -19.74 7.44 -8.26
N GLU A 75 -21.02 7.42 -7.92
CA GLU A 75 -22.03 7.81 -8.89
C GLU A 75 -21.90 9.28 -9.28
N ALA A 76 -21.43 10.11 -8.34
CA ALA A 76 -21.22 11.53 -8.66
C ALA A 76 -19.99 11.70 -9.54
N LEU A 77 -18.91 11.01 -9.19
CA LEU A 77 -17.75 10.90 -10.06
C LEU A 77 -18.18 10.55 -11.48
N SER A 78 -18.99 9.51 -11.61
CA SER A 78 -19.43 9.08 -12.94
C SER A 78 -20.23 10.18 -13.63
N ALA A 79 -21.08 10.87 -12.88
CA ALA A 79 -21.94 11.87 -13.52
C ALA A 79 -21.10 13.01 -14.06
N GLY A 80 -20.15 13.49 -13.26
CA GLY A 80 -19.28 14.55 -13.73
C GLY A 80 -18.43 14.10 -14.92
N LEU A 81 -17.95 12.85 -14.87
CA LEU A 81 -17.12 12.34 -15.95
C LEU A 81 -17.92 12.22 -17.24
N ARG A 82 -19.15 11.71 -17.17
N ARG A 82 -19.15 11.70 -17.17
CA ARG A 82 -19.93 11.52 -18.39
CA ARG A 82 -19.93 11.52 -18.39
C ARG A 82 -20.53 12.82 -18.90
C ARG A 82 -20.51 12.83 -18.90
N ALA A 83 -20.79 13.79 -18.01
CA ALA A 83 -21.17 15.12 -18.46
C ALA A 83 -20.04 15.76 -19.25
N SER A 84 -18.80 15.30 -19.03
CA SER A 84 -17.62 15.75 -19.74
C SER A 84 -17.24 14.85 -20.89
N GLY A 85 -18.14 13.96 -21.32
CA GLY A 85 -17.88 13.12 -22.47
C GLY A 85 -16.90 11.99 -22.24
N ARG A 86 -16.73 11.54 -21.00
CA ARG A 86 -15.88 10.40 -20.71
C ARG A 86 -16.75 9.16 -20.51
N ASP A 87 -16.53 8.13 -21.31
CA ASP A 87 -17.08 6.81 -21.02
C ASP A 87 -16.58 6.33 -19.67
N VAL A 88 -17.45 5.68 -18.91
CA VAL A 88 -17.14 5.22 -17.55
C VAL A 88 -17.27 3.72 -17.53
N ILE A 89 -16.26 3.06 -16.95
CA ILE A 89 -16.23 1.62 -16.75
C ILE A 89 -16.42 1.40 -15.26
N ASP A 90 -17.65 1.11 -14.85
CA ASP A 90 -17.94 0.80 -13.46
C ASP A 90 -17.51 -0.62 -13.18
N ILE A 91 -16.48 -0.80 -12.35
CA ILE A 91 -16.08 -2.15 -11.97
C ILE A 91 -16.58 -2.52 -10.57
N GLY A 92 -17.42 -1.68 -9.99
CA GLY A 92 -18.13 -2.06 -8.79
C GLY A 92 -17.32 -2.09 -7.51
N LEU A 93 -17.91 -2.75 -6.52
CA LEU A 93 -17.25 -2.98 -5.24
C LEU A 93 -15.98 -3.80 -5.45
N CYS A 94 -14.84 -3.24 -5.07
CA CYS A 94 -13.57 -3.84 -5.45
C CYS A 94 -12.49 -3.36 -4.49
N GLY A 95 -11.30 -3.92 -4.64
CA GLY A 95 -10.14 -3.39 -3.95
C GLY A 95 -9.44 -2.36 -4.78
N THR A 96 -8.66 -1.51 -4.11
CA THR A 96 -7.94 -0.45 -4.82
C THR A 96 -7.12 -1.02 -5.99
N GLU A 97 -6.43 -2.13 -5.76
CA GLU A 97 -5.56 -2.70 -6.77
C GLU A 97 -6.33 -3.17 -8.01
N GLU A 98 -7.63 -3.47 -7.87
CA GLU A 98 -8.45 -3.78 -9.04
C GLU A 98 -8.64 -2.57 -9.93
N VAL A 99 -8.85 -1.38 -9.34
CA VAL A 99 -8.87 -0.17 -10.14
C VAL A 99 -7.56 -0.01 -10.91
N TYR A 100 -6.40 -0.21 -10.24
CA TYR A 100 -5.12 -0.12 -10.92
C TYR A 100 -5.04 -1.15 -12.04
N PHE A 101 -5.32 -2.40 -11.72
CA PHE A 101 -5.24 -3.45 -12.74
C PHE A 101 -6.17 -3.15 -13.90
N GLN A 102 -7.45 -2.87 -13.63
CA GLN A 102 -8.38 -2.69 -14.75
C GLN A 102 -8.05 -1.44 -15.55
N THR A 103 -7.63 -0.36 -14.89
CA THR A 103 -7.23 0.82 -15.63
C THR A 103 -6.15 0.49 -16.65
N ASP A 104 -5.15 -0.27 -16.22
CA ASP A 104 -4.05 -0.62 -17.10
C ASP A 104 -4.44 -1.69 -18.10
N TYR A 105 -5.10 -2.75 -17.62
CA TYR A 105 -5.47 -3.86 -18.49
C TYR A 105 -6.38 -3.41 -19.63
N LEU A 106 -7.42 -2.64 -19.30
CA LEU A 106 -8.35 -2.15 -20.30
C LEU A 106 -7.84 -0.93 -21.05
N LYS A 107 -6.59 -0.54 -20.83
N LYS A 107 -6.59 -0.53 -20.83
CA LYS A 107 -5.98 0.61 -21.50
CA LYS A 107 -5.98 0.61 -21.51
C LYS A 107 -6.85 1.85 -21.38
C LYS A 107 -6.84 1.86 -21.37
N ALA A 108 -7.32 2.10 -20.16
CA ALA A 108 -8.15 3.26 -19.90
C ALA A 108 -7.30 4.52 -19.80
N ALA A 109 -7.96 5.66 -19.93
CA ALA A 109 -7.27 6.93 -19.73
C ALA A 109 -6.97 7.17 -18.26
N GLY A 110 -7.71 6.55 -17.36
CA GLY A 110 -7.49 6.77 -15.93
C GLY A 110 -8.46 5.97 -15.11
N GLY A 111 -8.40 6.20 -13.80
CA GLY A 111 -9.19 5.41 -12.87
C GLY A 111 -9.28 6.10 -11.53
N VAL A 112 -10.40 5.89 -10.85
CA VAL A 112 -10.58 6.43 -9.51
C VAL A 112 -11.13 5.33 -8.63
N MET A 113 -10.51 5.15 -7.46
CA MET A 113 -10.99 4.26 -6.43
C MET A 113 -11.57 5.11 -5.32
N VAL A 114 -12.84 4.91 -4.98
CA VAL A 114 -13.42 5.57 -3.83
C VAL A 114 -13.12 4.69 -2.62
N THR A 115 -12.28 5.21 -1.72
CA THR A 115 -11.92 4.41 -0.56
C THR A 115 -11.61 5.33 0.61
N ALA A 116 -12.09 4.94 1.80
CA ALA A 116 -11.87 5.70 3.03
C ALA A 116 -10.69 5.14 3.81
N HIS A 118 -8.59 3.52 6.35
CA HIS A 118 -8.94 3.27 7.75
C HIS A 118 -9.23 4.59 8.46
N ASN A 119 -9.65 5.59 7.70
CA ASN A 119 -10.17 6.81 8.28
C ASN A 119 -11.47 6.52 9.04
N PRO A 120 -11.93 7.45 9.87
CA PRO A 120 -13.15 7.20 10.67
C PRO A 120 -14.41 6.90 9.86
N MET A 121 -15.51 6.65 10.56
CA MET A 121 -16.76 6.25 9.91
C MET A 121 -17.32 7.36 9.04
N ASP A 122 -17.11 8.63 9.42
CA ASP A 122 -17.68 9.73 8.67
C ASP A 122 -16.70 10.31 7.64
N TYR A 123 -15.67 9.56 7.29
CA TYR A 123 -14.67 9.98 6.32
C TYR A 123 -14.78 9.13 5.06
N ASN A 124 -14.30 9.70 3.95
CA ASN A 124 -14.16 8.92 2.73
C ASN A 124 -13.05 9.55 1.88
N GLY A 125 -12.88 9.05 0.67
CA GLY A 125 -11.78 9.54 -0.12
C GLY A 125 -11.73 8.91 -1.49
N MET A 126 -10.74 9.34 -2.25
CA MET A 126 -10.51 8.84 -3.60
C MET A 126 -9.03 8.70 -3.85
N LYS A 127 -8.65 7.66 -4.59
CA LYS A 127 -7.31 7.52 -5.12
C LYS A 127 -7.40 7.50 -6.64
N LEU A 128 -6.61 8.35 -7.29
CA LEU A 128 -6.74 8.65 -8.71
C LEU A 128 -5.49 8.26 -9.45
N VAL A 129 -5.68 7.70 -10.65
CA VAL A 129 -4.59 7.27 -11.50
C VAL A 129 -4.91 7.63 -12.94
N ARG A 130 -3.86 7.86 -13.74
CA ARG A 130 -4.03 8.07 -15.16
C ARG A 130 -3.62 6.80 -15.89
N GLU A 131 -3.17 6.93 -17.15
CA GLU A 131 -2.91 5.77 -17.98
C GLU A 131 -1.88 4.85 -17.32
N GLN A 132 -2.03 3.54 -17.56
CA GLN A 132 -1.20 2.49 -16.94
C GLN A 132 -1.15 2.61 -15.43
N ALA A 133 -2.24 3.09 -14.85
CA ALA A 133 -2.40 3.21 -13.40
C ALA A 133 -1.32 4.08 -12.75
N ARG A 134 -0.72 4.99 -13.53
CA ARG A 134 0.26 5.91 -12.98
C ARG A 134 -0.39 6.84 -11.95
N PRO A 135 0.19 7.01 -10.77
CA PRO A 135 -0.46 7.83 -9.74
C PRO A 135 -0.63 9.26 -10.19
N ILE A 136 -1.74 9.86 -9.75
CA ILE A 136 -1.99 11.30 -9.83
C ILE A 136 -1.84 11.82 -8.42
N SER A 137 -0.78 12.61 -8.19
CA SER A 137 -0.44 13.12 -6.87
C SER A 137 -0.51 14.63 -6.91
N SER A 138 -0.24 15.26 -5.74
CA SER A 138 -0.45 16.69 -5.61
C SER A 138 0.30 17.48 -6.68
N ASP A 139 1.52 17.06 -6.98
CA ASP A 139 2.35 17.74 -7.97
C ASP A 139 2.25 17.12 -9.36
N THR A 140 1.38 16.12 -9.56
CA THR A 140 1.21 15.51 -10.87
C THR A 140 -0.25 15.51 -11.30
N GLY A 141 -1.02 16.51 -10.87
CA GLY A 141 -2.38 16.65 -11.32
C GLY A 141 -3.39 16.87 -10.21
N LEU A 142 -3.15 16.28 -9.03
CA LEU A 142 -4.18 16.29 -7.99
C LEU A 142 -4.48 17.71 -7.51
N PHE A 143 -3.44 18.53 -7.31
CA PHE A 143 -3.71 19.92 -6.92
C PHE A 143 -4.26 20.73 -8.08
N ALA A 144 -3.88 20.41 -9.32
CA ALA A 144 -4.51 21.06 -10.45
C ALA A 144 -5.98 20.68 -10.54
N ILE A 145 -6.29 19.43 -10.21
CA ILE A 145 -7.68 19.05 -10.08
C ILE A 145 -8.34 19.87 -8.98
N ARG A 146 -7.71 19.93 -7.81
CA ARG A 146 -8.25 20.72 -6.70
C ARG A 146 -8.56 22.15 -7.11
N ASP A 147 -7.59 22.83 -7.73
CA ASP A 147 -7.76 24.22 -8.10
C ASP A 147 -8.92 24.42 -9.06
N THR A 148 -9.09 23.49 -10.00
CA THR A 148 -10.22 23.57 -10.92
C THR A 148 -11.53 23.43 -10.18
N VAL A 149 -11.62 22.41 -9.31
CA VAL A 149 -12.81 22.18 -8.51
C VAL A 149 -13.13 23.39 -7.65
N ALA A 150 -12.11 23.99 -7.04
CA ALA A 150 -12.33 25.09 -6.10
C ALA A 150 -12.92 26.32 -6.80
N ALA A 151 -12.64 26.49 -8.09
CA ALA A 151 -13.16 27.63 -8.85
C ALA A 151 -14.31 27.25 -9.77
N ASP A 152 -14.67 25.98 -9.83
CA ASP A 152 -15.72 25.53 -10.73
C ASP A 152 -17.08 25.88 -10.14
N THR A 153 -17.75 26.85 -10.74
CA THR A 153 -19.11 27.21 -10.34
C THR A 153 -20.11 26.97 -11.45
N ALA A 154 -19.72 26.22 -12.47
CA ALA A 154 -20.56 25.99 -13.64
C ALA A 154 -21.73 25.07 -13.29
N ALA A 155 -22.79 25.19 -14.07
CA ALA A 155 -23.92 24.29 -13.91
C ALA A 155 -23.51 22.89 -14.37
N PRO A 156 -23.84 21.85 -13.62
CA PRO A 156 -23.57 20.49 -14.11
C PRO A 156 -24.27 20.26 -15.43
N GLY A 157 -23.50 19.92 -16.44
CA GLY A 157 -24.06 19.52 -17.71
C GLY A 157 -24.71 18.16 -17.58
N GLU A 158 -25.28 17.71 -18.68
N GLU A 158 -25.27 17.71 -18.67
CA GLU A 158 -25.93 16.41 -18.73
CA GLU A 158 -25.88 16.40 -18.62
C GLU A 158 -25.00 15.38 -19.36
C GLU A 158 -25.01 15.38 -19.35
N PRO A 159 -25.25 14.09 -19.12
CA PRO A 159 -24.37 13.06 -19.69
C PRO A 159 -24.28 13.14 -21.21
N THR A 160 -23.05 13.04 -21.71
CA THR A 160 -22.77 12.91 -23.14
C THR A 160 -21.89 11.70 -23.41
N ALA A 161 -21.70 10.83 -22.43
CA ALA A 161 -21.03 9.56 -22.63
C ALA A 161 -21.77 8.50 -21.84
N SER A 162 -21.34 7.25 -22.02
CA SER A 162 -22.03 6.11 -21.45
C SER A 162 -21.26 5.57 -20.24
N GLU A 163 -21.97 4.81 -19.41
CA GLU A 163 -21.37 4.00 -18.37
C GLU A 163 -21.69 2.54 -18.66
N GLN A 164 -20.66 1.71 -18.64
CA GLN A 164 -20.79 0.26 -18.74
C GLN A 164 -20.35 -0.35 -17.42
N SER A 165 -21.01 -1.43 -17.02
CA SER A 165 -20.65 -2.18 -15.83
C SER A 165 -19.80 -3.36 -16.26
N ARG A 166 -18.59 -3.47 -15.70
CA ARG A 166 -17.66 -4.54 -16.05
C ARG A 166 -17.20 -5.23 -14.77
N THR A 167 -17.97 -6.22 -14.33
CA THR A 167 -17.70 -6.92 -13.07
C THR A 167 -16.93 -8.22 -13.27
N ASP A 168 -16.61 -8.60 -14.50
CA ASP A 168 -15.83 -9.81 -14.73
C ASP A 168 -14.43 -9.61 -14.18
N LYS A 169 -14.06 -10.46 -13.20
N LYS A 169 -14.06 -10.46 -13.21
CA LYS A 169 -12.73 -10.40 -12.61
CA LYS A 169 -12.74 -10.42 -12.61
C LYS A 169 -11.80 -11.46 -13.18
C LYS A 169 -11.82 -11.52 -13.14
N THR A 170 -12.18 -12.15 -14.26
CA THR A 170 -11.39 -13.25 -14.79
C THR A 170 -9.95 -12.81 -15.10
N ALA A 171 -9.80 -11.72 -15.83
CA ALA A 171 -8.47 -11.25 -16.19
C ALA A 171 -7.66 -10.92 -14.95
N TYR A 172 -8.29 -10.32 -13.95
CA TYR A 172 -7.59 -9.96 -12.72
C TYR A 172 -7.18 -11.21 -11.95
N LEU A 173 -8.11 -12.16 -11.79
CA LEU A 173 -7.82 -13.39 -11.07
C LEU A 173 -6.77 -14.23 -11.79
N GLU A 174 -6.83 -14.29 -13.12
CA GLU A 174 -5.81 -15.02 -13.84
C GLU A 174 -4.46 -14.36 -13.67
N HIS A 175 -4.44 -13.03 -13.59
CA HIS A 175 -3.19 -12.34 -13.40
C HIS A 175 -2.60 -12.66 -12.04
N LEU A 176 -3.45 -12.68 -11.00
CA LEU A 176 -2.98 -13.03 -9.67
C LEU A 176 -2.37 -14.43 -9.65
N LEU A 177 -3.07 -15.40 -10.25
CA LEU A 177 -2.59 -16.78 -10.19
C LEU A 177 -1.33 -16.99 -11.00
N SER A 178 -1.07 -16.15 -12.01
CA SER A 178 0.13 -16.31 -12.82
C SER A 178 1.42 -16.10 -12.05
N TYR A 179 1.37 -15.53 -10.85
CA TYR A 179 2.60 -15.34 -10.10
C TYR A 179 3.10 -16.61 -9.42
N VAL A 180 2.32 -17.68 -9.41
CA VAL A 180 2.74 -18.90 -8.74
C VAL A 180 2.57 -20.10 -9.67
N ASP A 181 3.41 -21.11 -9.46
CA ASP A 181 3.29 -22.38 -10.15
C ASP A 181 2.34 -23.22 -9.32
N ARG A 182 1.08 -23.29 -9.75
N ARG A 182 1.06 -23.27 -9.74
CA ARG A 182 0.05 -23.88 -8.89
CA ARG A 182 0.04 -23.89 -8.89
C ARG A 182 0.30 -25.36 -8.64
C ARG A 182 0.33 -25.35 -8.62
N SER A 183 0.93 -26.06 -9.57
CA SER A 183 1.27 -27.46 -9.34
C SER A 183 2.26 -27.66 -8.19
N THR A 184 2.98 -26.61 -7.78
CA THR A 184 3.92 -26.72 -6.67
C THR A 184 3.33 -26.28 -5.33
N LEU A 185 2.09 -25.80 -5.32
CA LEU A 185 1.47 -25.37 -4.07
C LEU A 185 1.08 -26.58 -3.23
N LYS A 186 1.23 -26.43 -1.91
CA LYS A 186 0.86 -27.43 -0.93
C LYS A 186 -0.42 -27.01 -0.23
N PRO A 187 -1.20 -27.97 0.31
CA PRO A 187 -2.46 -27.61 0.97
C PRO A 187 -2.22 -26.95 2.31
N LEU A 188 -1.55 -25.80 2.30
CA LEU A 188 -1.32 -25.06 3.52
C LEU A 188 -2.63 -24.64 4.15
N LYS A 189 -2.63 -24.54 5.47
CA LYS A 189 -3.77 -24.04 6.22
C LYS A 189 -3.53 -22.55 6.51
N LEU A 190 -4.37 -21.67 5.95
CA LEU A 190 -4.16 -20.23 5.99
C LEU A 190 -5.34 -19.52 6.65
N VAL A 191 -5.06 -18.75 7.70
CA VAL A 191 -6.07 -17.85 8.26
C VAL A 191 -6.15 -16.62 7.36
N VAL A 192 -7.36 -16.21 7.02
CA VAL A 192 -7.56 -15.03 6.20
C VAL A 192 -8.52 -14.12 6.94
N ASN A 193 -8.15 -12.87 7.09
CA ASN A 193 -8.90 -11.94 7.91
C ASN A 193 -9.05 -10.66 7.12
N ALA A 194 -10.19 -10.56 6.44
CA ALA A 194 -10.51 -9.35 5.68
C ALA A 194 -10.92 -8.19 6.56
N GLY A 195 -11.08 -8.40 7.87
CA GLY A 195 -11.53 -7.32 8.75
C GLY A 195 -12.86 -6.70 8.36
N ASN A 196 -13.72 -7.46 7.67
CA ASN A 196 -14.98 -6.99 7.11
C ASN A 196 -14.77 -5.94 6.03
N GLY A 197 -13.55 -5.83 5.49
CA GLY A 197 -13.29 -5.10 4.27
C GLY A 197 -13.59 -5.98 3.09
N GLY A 198 -12.88 -5.76 1.98
CA GLY A 198 -13.28 -6.38 0.74
C GLY A 198 -12.47 -7.57 0.28
N ALA A 199 -11.47 -7.98 1.06
CA ALA A 199 -10.53 -9.00 0.60
C ALA A 199 -11.19 -10.36 0.49
N GLY A 200 -12.20 -10.64 1.31
CA GLY A 200 -12.81 -11.96 1.30
C GLY A 200 -13.38 -12.33 -0.05
N LEU A 201 -13.86 -11.34 -0.81
CA LEU A 201 -14.43 -11.62 -2.12
C LEU A 201 -13.38 -12.20 -3.05
N ILE A 202 -12.18 -11.61 -3.06
CA ILE A 202 -11.12 -12.10 -3.92
C ILE A 202 -10.56 -13.42 -3.40
N VAL A 203 -10.40 -13.56 -2.08
CA VAL A 203 -9.97 -14.85 -1.55
C VAL A 203 -10.90 -15.95 -2.04
N ASP A 204 -12.21 -15.73 -1.92
CA ASP A 204 -13.17 -16.77 -2.28
C ASP A 204 -13.16 -17.05 -3.77
N LEU A 205 -12.85 -16.07 -4.60
CA LEU A 205 -12.79 -16.36 -6.03
C LEU A 205 -11.49 -17.08 -6.39
N LEU A 206 -10.45 -16.90 -5.59
CA LEU A 206 -9.16 -17.57 -5.82
C LEU A 206 -9.17 -19.01 -5.34
N ALA A 207 -9.80 -19.25 -4.19
CA ALA A 207 -9.88 -20.52 -3.48
C ALA A 207 -10.12 -21.74 -4.37
N PRO A 208 -11.02 -21.70 -5.37
CA PRO A 208 -11.20 -22.92 -6.19
C PRO A 208 -9.98 -23.29 -7.01
N HIS A 209 -9.05 -22.36 -7.18
CA HIS A 209 -7.87 -22.57 -8.01
C HIS A 209 -6.61 -22.80 -7.20
N LEU A 210 -6.76 -22.95 -5.88
CA LEU A 210 -5.66 -23.11 -4.94
C LEU A 210 -5.94 -24.31 -4.04
N PRO A 211 -4.89 -24.97 -3.55
CA PRO A 211 -5.09 -26.13 -2.67
C PRO A 211 -5.20 -25.77 -1.18
N PHE A 212 -5.18 -24.49 -0.83
CA PHE A 212 -5.08 -24.15 0.58
C PHE A 212 -6.38 -24.41 1.32
N GLU A 213 -6.25 -24.63 2.62
N GLU A 213 -6.24 -24.61 2.61
CA GLU A 213 -7.36 -24.77 3.53
CA GLU A 213 -7.36 -24.77 3.52
C GLU A 213 -7.52 -23.44 4.26
C GLU A 213 -7.51 -23.44 4.25
N PHE A 214 -8.58 -22.71 3.94
CA PHE A 214 -8.78 -21.37 4.49
C PHE A 214 -9.56 -21.41 5.78
N VAL A 215 -9.10 -20.63 6.75
CA VAL A 215 -9.80 -20.36 7.99
C VAL A 215 -10.21 -18.89 7.90
N ARG A 216 -11.50 -18.62 7.73
CA ARG A 216 -11.97 -17.28 7.40
C ARG A 216 -12.38 -16.53 8.67
N VAL A 217 -11.77 -15.36 8.88
CA VAL A 217 -12.05 -14.53 10.04
C VAL A 217 -12.47 -13.14 9.58
N PHE A 218 -13.54 -12.63 10.21
CA PHE A 218 -14.15 -11.34 9.87
C PHE A 218 -14.29 -11.21 8.35
N HIS A 219 -14.89 -12.23 7.76
CA HIS A 219 -14.80 -12.43 6.31
C HIS A 219 -15.80 -11.60 5.51
N GLU A 220 -16.98 -11.37 6.06
CA GLU A 220 -18.05 -10.77 5.25
C GLU A 220 -17.85 -9.26 5.17
N PRO A 221 -17.99 -8.67 4.00
CA PRO A 221 -17.86 -7.21 3.91
C PRO A 221 -19.05 -6.58 4.62
N ASP A 222 -18.76 -5.63 5.50
CA ASP A 222 -19.81 -4.94 6.24
C ASP A 222 -19.29 -3.54 6.53
N GLY A 223 -19.79 -2.55 5.80
CA GLY A 223 -19.41 -1.16 5.96
C GLY A 223 -19.73 -0.58 7.32
N ASN A 224 -20.46 -1.32 8.16
CA ASN A 224 -20.70 -0.89 9.53
C ASN A 224 -19.60 -1.36 10.48
N PHE A 225 -18.68 -2.19 10.00
CA PHE A 225 -17.51 -2.65 10.74
C PHE A 225 -17.81 -3.08 12.17
N PRO A 226 -18.60 -4.13 12.36
CA PRO A 226 -18.90 -4.61 13.72
C PRO A 226 -17.68 -5.03 14.51
N ASN A 227 -16.55 -5.31 13.85
CA ASN A 227 -15.32 -5.70 14.55
C ASN A 227 -14.25 -4.61 14.46
N GLY A 228 -14.65 -3.39 14.18
CA GLY A 228 -13.71 -2.30 14.05
C GLY A 228 -13.38 -2.01 12.61
N ILE A 229 -12.99 -0.76 12.35
CA ILE A 229 -12.52 -0.41 11.00
C ILE A 229 -11.29 -1.24 10.69
N PRO A 230 -11.17 -1.81 9.49
CA PRO A 230 -10.03 -2.71 9.20
C PRO A 230 -8.72 -1.97 9.34
N ASN A 231 -7.85 -2.50 10.21
CA ASN A 231 -6.52 -1.98 10.47
C ASN A 231 -5.72 -3.00 11.27
N PRO A 232 -5.05 -3.92 10.58
CA PRO A 232 -4.31 -4.99 11.28
C PRO A 232 -3.17 -4.49 12.15
N LEU A 233 -2.76 -3.24 12.00
CA LEU A 233 -1.62 -2.74 12.76
C LEU A 233 -1.99 -2.42 14.20
N LEU A 234 -3.28 -2.21 14.45
CA LEU A 234 -3.74 -1.94 15.81
C LEU A 234 -3.74 -3.22 16.62
N PRO A 235 -3.19 -3.22 17.83
CA PRO A 235 -3.00 -4.48 18.57
C PRO A 235 -4.25 -5.35 18.72
N GLU A 236 -5.42 -4.77 19.00
CA GLU A 236 -6.60 -5.60 19.17
C GLU A 236 -6.96 -6.32 17.88
N ASN A 237 -6.79 -5.66 16.73
CA ASN A 237 -7.05 -6.29 15.44
C ASN A 237 -5.99 -7.31 15.09
N ARG A 238 -4.73 -6.97 15.36
CA ARG A 238 -3.63 -7.92 15.21
C ARG A 238 -3.91 -9.22 15.95
N ASP A 239 -4.42 -9.13 17.18
CA ASP A 239 -4.58 -10.32 18.00
C ASP A 239 -5.67 -11.26 17.48
N ALA A 240 -6.68 -10.75 16.80
CA ALA A 240 -7.71 -11.64 16.25
C ALA A 240 -7.12 -12.60 15.21
N THR A 241 -6.21 -12.12 14.37
CA THR A 241 -5.59 -13.03 13.40
C THR A 241 -4.59 -13.96 14.10
N ALA A 242 -3.82 -13.40 15.04
CA ALA A 242 -2.92 -14.22 15.86
C ALA A 242 -3.64 -15.37 16.52
N LYS A 243 -4.75 -15.07 17.21
CA LYS A 243 -5.53 -16.09 17.90
C LYS A 243 -6.00 -17.17 16.93
N ALA A 244 -6.55 -16.75 15.77
CA ALA A 244 -7.06 -17.71 14.82
C ALA A 244 -5.95 -18.64 14.32
N VAL A 245 -4.76 -18.08 14.09
CA VAL A 245 -3.63 -18.89 13.66
C VAL A 245 -3.31 -19.94 14.71
N LYS A 246 -2.98 -19.48 15.92
CA LYS A 246 -2.57 -20.41 16.97
C LYS A 246 -3.65 -21.44 17.29
N ASP A 247 -4.91 -21.01 17.37
CA ASP A 247 -5.99 -21.92 17.74
C ASP A 247 -6.25 -22.99 16.67
N ASN A 248 -5.95 -22.69 15.41
CA ASN A 248 -6.26 -23.59 14.32
C ASN A 248 -5.05 -24.28 13.75
N GLY A 249 -3.87 -24.05 14.32
CA GLY A 249 -2.69 -24.67 13.77
C GLY A 249 -2.48 -24.26 12.34
N ALA A 250 -2.76 -23.01 12.03
CA ALA A 250 -2.57 -22.54 10.66
C ALA A 250 -1.10 -22.44 10.34
N ASP A 251 -0.79 -22.56 9.05
CA ASP A 251 0.58 -22.40 8.60
C ASP A 251 1.02 -20.96 8.71
N PHE A 252 0.16 -20.03 8.31
CA PHE A 252 0.28 -18.62 8.62
C PHE A 252 -1.09 -17.97 8.44
N GLY A 253 -1.14 -16.69 8.79
CA GLY A 253 -2.36 -15.93 8.69
C GLY A 253 -2.10 -14.66 7.91
N ILE A 254 -3.11 -14.22 7.19
CA ILE A 254 -3.03 -13.00 6.39
C ILE A 254 -4.18 -12.11 6.78
N ALA A 255 -3.89 -10.84 7.06
CA ALA A 255 -4.92 -9.85 7.30
C ALA A 255 -4.74 -8.71 6.29
N TRP A 256 -5.84 -8.03 5.96
CA TRP A 256 -5.78 -6.93 4.99
C TRP A 256 -6.38 -5.67 5.59
N ASP A 257 -5.99 -4.53 5.03
CA ASP A 257 -6.78 -3.33 5.29
C ASP A 257 -8.06 -3.39 4.45
N GLY A 258 -8.89 -2.34 4.54
CA GLY A 258 -10.24 -2.44 4.01
C GLY A 258 -10.32 -2.58 2.50
N ASP A 259 -9.49 -1.82 1.78
CA ASP A 259 -9.47 -1.89 0.33
C ASP A 259 -8.40 -2.83 -0.18
N PHE A 260 -7.89 -3.68 0.72
CA PHE A 260 -6.85 -4.70 0.66
C PHE A 260 -5.66 -4.44 -0.25
N ASP A 261 -5.23 -3.19 -0.39
CA ASP A 261 -3.94 -3.00 -1.01
C ASP A 261 -2.79 -3.14 -0.02
N ARG A 262 -3.09 -3.41 1.25
CA ARG A 262 -2.06 -3.74 2.25
C ARG A 262 -2.39 -5.09 2.86
N CYS A 263 -1.38 -5.93 2.98
CA CYS A 263 -1.53 -7.22 3.65
C CYS A 263 -0.49 -7.33 4.76
N PHE A 264 -0.82 -8.15 5.76
CA PHE A 264 -0.04 -8.29 6.97
C PHE A 264 0.04 -9.76 7.32
N PHE A 265 1.24 -10.25 7.66
CA PHE A 265 1.48 -11.67 7.85
C PHE A 265 1.75 -12.03 9.31
N PHE A 266 1.24 -13.20 9.69
CA PHE A 266 1.36 -13.77 11.03
C PHE A 266 1.90 -15.18 10.86
N ASP A 267 3.04 -15.49 11.50
CA ASP A 267 3.60 -16.83 11.29
C ASP A 267 2.84 -17.86 12.13
N HIS A 268 3.30 -19.11 12.07
CA HIS A 268 2.55 -20.19 12.68
C HIS A 268 2.49 -20.09 14.19
N THR A 269 3.29 -19.21 14.78
CA THR A 269 3.22 -18.98 16.21
C THR A 269 2.24 -17.86 16.55
N GLY A 270 1.58 -17.26 15.55
CA GLY A 270 0.74 -16.11 15.77
C GLY A 270 1.50 -14.80 15.76
N ARG A 271 2.82 -14.84 15.65
CA ARG A 271 3.63 -13.64 15.69
C ARG A 271 3.46 -12.84 14.41
N PHE A 272 3.14 -11.56 14.55
CA PHE A 272 3.09 -10.66 13.43
C PHE A 272 4.48 -10.40 12.87
N ILE A 273 4.64 -10.47 11.55
CA ILE A 273 5.95 -10.22 10.94
C ILE A 273 6.03 -8.75 10.52
N GLU A 274 6.97 -8.03 11.12
CA GLU A 274 7.17 -6.62 10.80
C GLU A 274 7.40 -6.45 9.30
N GLY A 275 6.78 -5.42 8.72
CA GLY A 275 6.80 -5.28 7.27
C GLY A 275 8.20 -5.22 6.67
N TYR A 276 9.17 -4.66 7.41
CA TYR A 276 10.54 -4.59 6.89
C TYR A 276 10.96 -5.92 6.28
N TYR A 277 10.69 -7.00 7.00
CA TYR A 277 11.21 -8.29 6.59
C TYR A 277 10.47 -8.88 5.40
N LEU A 278 9.26 -8.40 5.11
CA LEU A 278 8.56 -8.90 3.93
C LEU A 278 9.22 -8.40 2.63
N VAL A 279 9.86 -7.24 2.67
CA VAL A 279 10.50 -6.71 1.47
C VAL A 279 11.59 -7.67 0.99
N GLY A 280 12.55 -8.00 1.85
CA GLY A 280 13.60 -8.93 1.45
C GLY A 280 13.07 -10.31 1.10
N LEU A 281 12.05 -10.76 1.83
CA LEU A 281 11.47 -12.08 1.56
C LEU A 281 10.85 -12.12 0.17
N LEU A 282 9.98 -11.15 -0.12
CA LEU A 282 9.30 -11.12 -1.41
C LEU A 282 10.30 -10.91 -2.53
N ALA A 283 11.35 -10.12 -2.29
CA ALA A 283 12.37 -9.92 -3.30
C ALA A 283 13.07 -11.23 -3.62
N GLN A 284 13.38 -12.03 -2.60
N GLN A 284 13.38 -12.03 -2.60
CA GLN A 284 13.99 -13.33 -2.86
CA GLN A 284 13.99 -13.33 -2.83
C GLN A 284 13.04 -14.26 -3.58
C GLN A 284 13.05 -14.27 -3.56
N ALA A 285 11.75 -14.23 -3.22
CA ALA A 285 10.76 -15.04 -3.91
C ALA A 285 10.70 -14.67 -5.39
N ILE A 286 10.61 -13.36 -5.67
CA ILE A 286 10.50 -12.88 -7.04
C ILE A 286 11.79 -13.12 -7.83
N LEU A 287 12.95 -12.88 -7.21
CA LEU A 287 14.19 -12.96 -7.97
C LEU A 287 14.51 -14.38 -8.40
N ALA A 288 13.93 -15.39 -7.75
CA ALA A 288 14.00 -16.73 -8.28
C ALA A 288 13.21 -16.87 -9.58
N LYS A 289 12.22 -16.02 -9.80
CA LYS A 289 11.49 -15.92 -11.06
C LYS A 289 12.23 -15.17 -12.14
N GLN A 290 12.76 -14.00 -11.77
CA GLN A 290 13.38 -13.06 -12.68
C GLN A 290 14.84 -12.85 -12.29
N PRO A 291 15.73 -13.73 -12.75
CA PRO A 291 17.15 -13.60 -12.40
C PRO A 291 17.70 -12.21 -12.75
N GLY A 292 18.53 -11.70 -11.85
CA GLY A 292 19.24 -10.45 -12.10
C GLY A 292 18.40 -9.20 -12.09
N GLY A 293 17.13 -9.29 -11.71
CA GLY A 293 16.25 -8.13 -11.73
C GLY A 293 16.67 -7.09 -10.73
N LYS A 294 16.07 -5.91 -10.87
CA LYS A 294 16.24 -4.83 -9.91
C LYS A 294 15.08 -4.80 -8.95
N VAL A 295 15.36 -4.48 -7.68
CA VAL A 295 14.35 -4.32 -6.63
C VAL A 295 14.47 -2.92 -6.05
N VAL A 296 13.38 -2.17 -6.04
CA VAL A 296 13.33 -0.85 -5.44
C VAL A 296 12.92 -0.99 -3.98
N HIS A 297 13.60 -0.26 -3.09
CA HIS A 297 13.25 -0.23 -1.66
C HIS A 297 13.37 1.20 -1.13
N ASP A 298 12.78 1.44 0.04
CA ASP A 298 12.82 2.78 0.64
C ASP A 298 14.02 2.88 1.55
N PRO A 299 14.36 4.08 2.04
CA PRO A 299 15.58 4.26 2.84
C PRO A 299 15.39 4.17 4.34
N ARG A 300 14.17 3.92 4.81
CA ARG A 300 13.92 3.89 6.24
C ARG A 300 14.64 2.73 6.88
N LEU A 301 14.51 1.55 6.29
CA LEU A 301 15.17 0.34 6.77
C LEU A 301 15.71 -0.37 5.54
N THR A 302 17.00 -0.71 5.54
CA THR A 302 17.69 -1.04 4.30
C THR A 302 18.60 -2.26 4.33
N TRP A 303 19.40 -2.41 5.40
CA TRP A 303 20.49 -3.39 5.39
C TRP A 303 20.03 -4.80 5.02
N ASN A 304 18.92 -5.25 5.58
CA ASN A 304 18.42 -6.59 5.28
C ASN A 304 18.00 -6.71 3.83
N THR A 305 17.23 -5.73 3.34
CA THR A 305 16.78 -5.75 1.96
C THR A 305 17.97 -5.81 1.00
N VAL A 306 18.96 -4.96 1.24
CA VAL A 306 20.11 -4.93 0.35
C VAL A 306 20.81 -6.28 0.34
N GLU A 307 21.00 -6.87 1.51
CA GLU A 307 21.70 -8.13 1.56
C GLU A 307 20.87 -9.26 0.97
N GLN A 308 19.56 -9.28 1.23
CA GLN A 308 18.71 -10.34 0.69
C GLN A 308 18.55 -10.22 -0.81
N VAL A 309 18.52 -8.99 -1.33
CA VAL A 309 18.38 -8.80 -2.76
C VAL A 309 19.66 -9.20 -3.48
N GLU A 310 20.83 -8.79 -2.97
CA GLU A 310 22.09 -9.20 -3.58
C GLU A 310 22.31 -10.70 -3.46
N GLU A 311 21.90 -11.28 -2.34
CA GLU A 311 22.10 -12.71 -2.14
C GLU A 311 21.26 -13.52 -3.10
N ALA A 312 20.09 -13.00 -3.48
CA ALA A 312 19.21 -13.65 -4.45
C ALA A 312 19.55 -13.27 -5.88
N GLY A 313 20.68 -12.59 -6.08
CA GLY A 313 21.16 -12.28 -7.41
C GLY A 313 20.57 -11.04 -8.04
N GLY A 314 19.87 -10.20 -7.28
CA GLY A 314 19.29 -8.99 -7.82
C GLY A 314 20.11 -7.76 -7.47
N ILE A 315 19.63 -6.62 -7.96
CA ILE A 315 20.27 -5.34 -7.73
C ILE A 315 19.30 -4.43 -6.97
N PRO A 316 19.62 -4.04 -5.72
CA PRO A 316 18.69 -3.19 -4.98
C PRO A 316 18.88 -1.74 -5.37
N VAL A 317 17.76 -1.01 -5.41
CA VAL A 317 17.72 0.36 -5.88
C VAL A 317 17.08 1.21 -4.79
N LEU A 318 17.86 2.09 -4.18
CA LEU A 318 17.36 2.95 -3.13
C LEU A 318 16.46 4.04 -3.70
N CYS A 319 15.38 4.34 -2.97
CA CYS A 319 14.38 5.29 -3.46
C CYS A 319 13.62 5.88 -2.28
N LYS A 320 13.44 7.21 -2.29
CA LYS A 320 12.56 7.90 -1.36
C LYS A 320 11.27 7.13 -1.15
N SER A 321 10.80 7.06 0.09
CA SER A 321 9.57 6.36 0.37
C SER A 321 8.37 7.18 -0.11
N GLY A 322 7.24 6.49 -0.31
CA GLY A 322 6.06 7.12 -0.90
C GLY A 322 5.80 6.38 -2.19
N HIS A 323 4.54 5.98 -2.39
CA HIS A 323 4.22 5.05 -3.46
C HIS A 323 4.52 5.65 -4.83
N ALA A 324 4.36 6.96 -5.00
CA ALA A 324 4.57 7.53 -6.32
C ALA A 324 6.05 7.59 -6.66
N PHE A 325 6.91 7.84 -5.67
CA PHE A 325 8.34 7.76 -5.90
C PHE A 325 8.76 6.35 -6.25
N ILE A 326 8.33 5.39 -5.43
CA ILE A 326 8.65 3.98 -5.69
C ILE A 326 8.28 3.60 -7.12
N LYS A 327 7.06 3.95 -7.53
CA LYS A 327 6.55 3.50 -8.82
C LYS A 327 7.30 4.15 -9.97
N GLU A 328 7.57 5.45 -9.89
N GLU A 328 7.59 5.44 -9.90
CA GLU A 328 8.35 6.10 -10.93
CA GLU A 328 8.35 6.07 -10.98
C GLU A 328 9.75 5.49 -11.03
C GLU A 328 9.78 5.56 -11.03
N LYS A 329 10.36 5.19 -9.88
CA LYS A 329 11.70 4.63 -9.90
C LYS A 329 11.69 3.23 -10.51
N MET A 330 10.69 2.41 -10.16
CA MET A 330 10.59 1.08 -10.74
C MET A 330 10.48 1.18 -12.26
N ARG A 331 9.69 2.14 -12.74
CA ARG A 331 9.52 2.31 -14.17
C ARG A 331 10.85 2.63 -14.85
N SER A 332 11.55 3.65 -14.35
CA SER A 332 12.79 4.08 -14.99
C SER A 332 13.88 3.02 -14.89
N GLU A 333 13.76 2.10 -13.94
CA GLU A 333 14.77 1.09 -13.73
C GLU A 333 14.39 -0.28 -14.30
N ASN A 334 13.16 -0.44 -14.78
CA ASN A 334 12.63 -1.74 -15.19
C ASN A 334 12.63 -2.72 -14.02
N ALA A 335 12.43 -2.20 -12.80
CA ALA A 335 12.53 -3.04 -11.61
C ALA A 335 11.37 -4.03 -11.56
N VAL A 336 11.68 -5.31 -11.31
CA VAL A 336 10.61 -6.31 -11.26
C VAL A 336 9.75 -6.14 -10.00
N TYR A 337 10.34 -5.67 -8.89
CA TYR A 337 9.63 -5.59 -7.63
C TYR A 337 10.07 -4.36 -6.86
N GLY A 338 9.12 -3.77 -6.13
CA GLY A 338 9.41 -2.69 -5.22
C GLY A 338 8.68 -2.93 -3.91
N GLY A 339 9.39 -2.78 -2.79
CA GLY A 339 8.80 -3.02 -1.49
C GLY A 339 9.14 -1.93 -0.50
N GLU A 340 8.14 -1.52 0.27
CA GLU A 340 8.29 -0.56 1.35
C GLU A 340 8.02 -1.24 2.68
N MET A 341 8.70 -0.79 3.73
CA MET A 341 8.54 -1.43 5.03
C MET A 341 7.10 -1.30 5.56
N SER A 342 6.37 -0.28 5.13
CA SER A 342 5.01 -0.05 5.60
C SER A 342 3.97 -0.85 4.82
N ALA A 343 4.27 -2.11 4.49
CA ALA A 343 3.26 -3.02 3.92
C ALA A 343 2.74 -2.56 2.57
N HIS A 344 3.63 -2.09 1.69
CA HIS A 344 3.27 -1.78 0.32
C HIS A 344 4.21 -2.53 -0.60
N HIS A 345 3.65 -3.26 -1.56
CA HIS A 345 4.44 -4.12 -2.43
C HIS A 345 3.97 -3.91 -3.86
N TYR A 346 4.88 -3.51 -4.73
CA TYR A 346 4.56 -3.10 -6.09
C TYR A 346 5.22 -4.06 -7.08
N PHE A 347 4.53 -4.35 -8.17
CA PHE A 347 4.93 -5.42 -9.07
C PHE A 347 4.88 -4.91 -10.50
N ARG A 348 6.03 -4.97 -11.17
CA ARG A 348 6.15 -4.45 -12.53
C ARG A 348 5.06 -4.99 -13.44
N GLU A 349 4.84 -6.32 -13.41
CA GLU A 349 3.84 -6.94 -14.28
C GLU A 349 2.42 -6.57 -13.90
N PHE A 350 2.23 -6.04 -12.70
CA PHE A 350 0.95 -5.56 -12.22
C PHE A 350 0.81 -4.08 -12.48
N ALA A 351 1.32 -3.62 -13.63
CA ALA A 351 1.25 -2.20 -14.00
C ALA A 351 2.01 -1.35 -12.98
N TYR A 352 3.12 -1.88 -12.46
CA TYR A 352 3.92 -1.24 -11.41
C TYR A 352 3.08 -0.79 -10.21
N ALA A 353 1.97 -1.47 -9.95
CA ALA A 353 1.05 -1.06 -8.90
C ALA A 353 1.18 -1.98 -7.70
N ASP A 354 0.63 -1.53 -6.58
CA ASP A 354 0.60 -2.35 -5.38
C ASP A 354 -0.59 -3.31 -5.37
N SER A 355 -0.36 -4.47 -4.76
CA SER A 355 -1.37 -5.50 -4.58
C SER A 355 -1.26 -6.02 -3.15
N GLY A 356 -2.41 -6.21 -2.51
CA GLY A 356 -2.50 -6.93 -1.25
C GLY A 356 -2.71 -8.42 -1.43
N MET A 357 -2.75 -8.89 -2.68
CA MET A 357 -3.02 -10.29 -3.00
C MET A 357 -1.78 -11.01 -3.51
N ILE A 358 -1.06 -10.42 -4.48
CA ILE A 358 0.18 -11.04 -4.94
C ILE A 358 1.08 -11.43 -3.79
N PRO A 359 1.36 -10.57 -2.82
CA PRO A 359 2.34 -10.94 -1.78
C PRO A 359 2.05 -12.24 -1.08
N TRP A 360 0.82 -12.47 -0.61
CA TRP A 360 0.59 -13.71 0.13
C TRP A 360 0.61 -14.92 -0.79
N LEU A 361 0.25 -14.73 -2.07
CA LEU A 361 0.39 -15.86 -2.99
C LEU A 361 1.86 -16.24 -3.17
N LEU A 362 2.74 -15.23 -3.28
CA LEU A 362 4.16 -15.49 -3.38
C LEU A 362 4.67 -16.17 -2.11
N ILE A 363 4.22 -15.73 -0.93
CA ILE A 363 4.72 -16.34 0.30
C ILE A 363 4.21 -17.78 0.42
N ALA A 364 2.92 -18.00 0.13
CA ALA A 364 2.39 -19.35 0.15
C ALA A 364 3.19 -20.26 -0.77
N GLU A 365 3.60 -19.76 -1.93
CA GLU A 365 4.38 -20.58 -2.85
C GLU A 365 5.75 -20.88 -2.29
N LEU A 366 6.38 -19.88 -1.67
CA LEU A 366 7.70 -20.07 -1.12
C LEU A 366 7.69 -21.10 0.00
N VAL A 367 6.71 -21.00 0.91
CA VAL A 367 6.60 -22.00 1.97
C VAL A 367 6.32 -23.36 1.37
N SER A 368 5.41 -23.42 0.40
CA SER A 368 5.07 -24.70 -0.24
C SER A 368 6.29 -25.33 -0.88
N GLN A 369 7.15 -24.53 -1.51
CA GLN A 369 8.27 -25.10 -2.26
C GLN A 369 9.48 -25.38 -1.38
N SER A 370 9.70 -24.57 -0.36
CA SER A 370 10.92 -24.68 0.44
C SER A 370 10.81 -25.71 1.55
N GLY A 371 9.60 -26.01 1.99
CA GLY A 371 9.43 -26.82 3.17
C GLY A 371 9.70 -26.09 4.45
N ARG A 372 9.97 -24.80 4.38
CA ARG A 372 10.29 -23.98 5.54
C ARG A 372 9.05 -23.21 5.95
N SER A 373 8.85 -23.08 7.26
CA SER A 373 7.76 -22.27 7.76
C SER A 373 8.04 -20.79 7.50
N LEU A 374 6.97 -19.99 7.51
CA LEU A 374 7.19 -18.55 7.38
C LEU A 374 8.08 -18.05 8.51
N ALA A 375 7.91 -18.61 9.71
CA ALA A 375 8.74 -18.22 10.83
C ALA A 375 10.22 -18.42 10.52
N ASP A 376 10.58 -19.63 10.10
N ASP A 376 10.59 -19.62 10.09
CA ASP A 376 11.98 -19.92 9.77
CA ASP A 376 12.01 -19.90 9.81
C ASP A 376 12.50 -19.02 8.66
C ASP A 376 12.53 -19.12 8.60
N LEU A 377 11.66 -18.72 7.67
CA LEU A 377 12.14 -17.97 6.51
C LEU A 377 12.62 -16.57 6.90
N VAL A 378 12.09 -16.01 7.98
CA VAL A 378 12.47 -14.67 8.42
C VAL A 378 13.32 -14.69 9.70
N GLU A 379 13.40 -15.82 10.41
CA GLU A 379 13.92 -15.79 11.77
C GLU A 379 15.33 -15.25 11.83
N ALA A 380 16.23 -15.83 11.03
CA ALA A 380 17.62 -15.39 11.00
C ALA A 380 17.74 -13.93 10.58
N ARG A 381 16.90 -13.49 9.64
CA ARG A 381 16.98 -12.11 9.19
C ARG A 381 16.61 -11.14 10.30
N MET A 382 15.60 -11.47 11.10
CA MET A 382 15.22 -10.54 12.15
C MET A 382 16.28 -10.50 13.24
N GLN A 383 16.96 -11.61 13.48
CA GLN A 383 18.08 -11.59 14.43
C GLN A 383 19.25 -10.79 13.88
N LYS A 384 19.50 -10.91 12.58
CA LYS A 384 20.69 -10.28 12.02
C LYS A 384 20.51 -8.78 11.85
N PHE A 385 19.31 -8.33 11.52
CA PHE A 385 19.00 -6.92 11.37
C PHE A 385 17.76 -6.57 12.19
N PRO A 386 17.89 -6.49 13.51
CA PRO A 386 16.75 -6.11 14.34
C PRO A 386 16.46 -4.63 14.18
N CYS A 387 15.18 -4.28 14.20
CA CYS A 387 14.79 -2.91 13.93
C CYS A 387 13.77 -2.44 14.96
N SER A 388 13.74 -1.12 15.13
CA SER A 388 12.91 -0.49 16.15
C SER A 388 11.42 -0.56 15.83
N GLY A 389 11.08 -0.71 14.55
CA GLY A 389 9.73 -0.40 14.12
C GLY A 389 9.67 1.09 13.90
N GLU A 390 8.79 1.53 13.00
CA GLU A 390 8.63 2.95 12.76
C GLU A 390 7.96 3.59 13.97
N ILE A 391 8.63 4.59 14.53
CA ILE A 391 8.20 5.24 15.75
C ILE A 391 7.90 6.69 15.41
N ASN A 392 6.68 7.12 15.69
CA ASN A 392 6.23 8.45 15.33
C ASN A 392 6.32 9.40 16.51
N PHE A 393 6.75 10.62 16.24
CA PHE A 393 6.80 11.69 17.21
C PHE A 393 6.05 12.89 16.66
N LYS A 394 5.04 13.36 17.40
CA LYS A 394 4.51 14.70 17.17
C LYS A 394 5.22 15.65 18.12
N VAL A 395 5.91 16.65 17.58
CA VAL A 395 6.71 17.54 18.39
C VAL A 395 6.36 18.99 18.09
N ALA A 396 6.81 19.87 18.97
CA ALA A 396 6.54 21.30 18.84
C ALA A 396 7.24 21.91 17.64
N ASP A 397 8.43 21.39 17.28
CA ASP A 397 9.27 22.02 16.28
C ASP A 397 10.09 20.88 15.66
N ALA A 398 9.60 20.35 14.55
CA ALA A 398 10.25 19.20 13.93
C ALA A 398 11.68 19.54 13.56
N LYS A 399 11.89 20.70 12.94
CA LYS A 399 13.23 21.09 12.50
C LYS A 399 14.18 21.20 13.68
N ALA A 400 13.75 21.88 14.74
CA ALA A 400 14.61 22.01 15.92
C ALA A 400 14.89 20.66 16.54
N SER A 401 13.89 19.79 16.58
CA SER A 401 14.10 18.45 17.14
C SER A 401 15.06 17.65 16.27
N VAL A 402 14.91 17.70 14.95
CA VAL A 402 15.84 16.97 14.10
C VAL A 402 17.27 17.46 14.31
N ALA A 403 17.46 18.78 14.42
CA ALA A 403 18.80 19.32 14.65
C ALA A 403 19.37 18.86 15.98
N ARG A 404 18.55 18.79 17.03
CA ARG A 404 19.02 18.30 18.31
C ARG A 404 19.57 16.89 18.20
N VAL A 405 18.94 16.05 17.37
CA VAL A 405 19.47 14.70 17.17
C VAL A 405 20.79 14.76 16.42
N MET A 406 20.84 15.54 15.33
CA MET A 406 22.05 15.53 14.54
C MET A 406 23.22 16.13 15.30
N GLU A 407 22.98 17.19 16.08
N GLU A 407 22.99 17.20 16.07
CA GLU A 407 24.03 17.79 16.88
CA GLU A 407 24.08 17.77 16.86
C GLU A 407 24.59 16.81 17.90
C GLU A 407 24.60 16.78 17.89
N HIS A 408 23.71 16.03 18.54
CA HIS A 408 24.15 15.08 19.55
C HIS A 408 25.05 13.99 18.97
N TYR A 409 24.83 13.61 17.72
CA TYR A 409 25.57 12.52 17.11
C TYR A 409 26.76 12.99 16.27
N ALA A 410 26.89 14.31 16.09
CA ALA A 410 27.90 14.87 15.20
C ALA A 410 29.29 14.33 15.47
N SER A 411 29.70 14.26 16.74
CA SER A 411 31.07 13.88 17.03
C SER A 411 31.39 12.43 16.64
N LEU A 412 30.39 11.60 16.36
CA LEU A 412 30.64 10.24 15.89
C LEU A 412 30.83 10.15 14.38
N SER A 413 30.68 11.26 13.65
CA SER A 413 30.91 11.32 12.21
C SER A 413 30.15 10.29 11.40
N PRO A 414 28.83 10.16 11.59
CA PRO A 414 28.08 9.17 10.82
C PRO A 414 28.13 9.51 9.33
N GLU A 415 27.91 8.48 8.52
CA GLU A 415 27.77 8.71 7.09
C GLU A 415 26.33 9.11 6.82
N LEU A 416 26.13 10.28 6.22
CA LEU A 416 24.82 10.89 6.08
C LEU A 416 24.35 10.83 4.64
N ASP A 417 23.06 10.59 4.46
CA ASP A 417 22.41 10.56 3.16
C ASP A 417 21.06 11.22 3.30
N TYR A 418 20.77 12.16 2.39
CA TYR A 418 19.57 12.98 2.49
C TYR A 418 18.54 12.61 1.42
N THR A 419 18.57 11.35 0.97
CA THR A 419 17.59 10.89 0.00
C THR A 419 16.18 11.09 0.50
N ASP A 420 15.94 10.82 1.79
CA ASP A 420 14.58 10.85 2.32
C ASP A 420 14.65 11.21 3.81
N GLY A 421 14.63 12.50 4.09
CA GLY A 421 14.90 12.94 5.44
C GLY A 421 16.38 12.87 5.69
N ILE A 422 16.76 12.28 6.83
CA ILE A 422 18.16 12.07 7.16
C ILE A 422 18.39 10.60 7.47
N SER A 423 19.36 10.01 6.80
CA SER A 423 19.85 8.66 7.10
C SER A 423 21.27 8.79 7.63
N ALA A 424 21.53 8.21 8.79
CA ALA A 424 22.84 8.29 9.42
C ALA A 424 23.33 6.87 9.71
N ASP A 425 24.42 6.50 9.08
CA ASP A 425 25.03 5.19 9.23
C ASP A 425 26.26 5.32 10.12
N PHE A 426 26.23 4.65 11.26
CA PHE A 426 27.31 4.72 12.24
C PHE A 426 28.22 3.51 12.18
N GLY A 427 27.98 2.58 11.26
CA GLY A 427 28.75 1.36 11.16
C GLY A 427 27.97 0.16 11.62
N GLN A 428 27.85 -0.02 12.94
CA GLN A 428 27.05 -1.10 13.51
C GLN A 428 25.58 -0.73 13.71
N TRP A 429 25.20 0.53 13.54
CA TRP A 429 23.78 0.88 13.60
C TRP A 429 23.53 2.07 12.69
N ARG A 430 22.26 2.28 12.38
CA ARG A 430 21.88 3.40 11.52
C ARG A 430 20.46 3.80 11.90
N PHE A 431 20.08 5.02 11.50
CA PHE A 431 18.70 5.43 11.64
C PHE A 431 18.29 6.25 10.42
N ASN A 432 16.99 6.29 10.19
CA ASN A 432 16.39 7.25 9.29
C ASN A 432 15.36 8.06 10.09
N LEU A 433 15.35 9.38 9.88
CA LEU A 433 14.43 10.29 10.56
C LEU A 433 13.79 11.15 9.50
N ARG A 434 12.46 11.06 9.40
CA ARG A 434 11.70 11.64 8.30
C ARG A 434 10.57 12.51 8.81
N SER A 435 10.29 13.56 8.05
CA SER A 435 8.99 14.22 8.10
C SER A 435 8.04 13.46 7.17
N SER A 436 6.91 13.03 7.70
CA SER A 436 5.88 12.42 6.88
C SER A 436 5.36 13.43 5.85
N ASN A 437 5.15 12.95 4.62
CA ASN A 437 4.53 13.77 3.60
C ASN A 437 3.01 13.68 3.63
N THR A 438 2.45 12.82 4.48
CA THR A 438 1.01 12.66 4.59
C THR A 438 0.45 13.09 5.94
N GLU A 439 1.30 13.28 6.96
CA GLU A 439 0.93 13.77 8.27
C GLU A 439 2.01 14.71 8.79
N PRO A 440 1.65 15.67 9.67
CA PRO A 440 2.68 16.55 10.26
C PRO A 440 3.44 15.86 11.39
N LEU A 441 4.25 14.86 11.02
CA LEU A 441 4.89 13.99 12.00
C LEU A 441 6.35 13.79 11.64
N LEU A 442 7.15 13.51 12.66
CA LEU A 442 8.47 12.92 12.53
C LEU A 442 8.37 11.42 12.73
N ARG A 443 9.12 10.68 11.93
CA ARG A 443 9.10 9.22 11.91
C ARG A 443 10.53 8.71 12.03
N LEU A 444 10.75 7.80 12.99
CA LEU A 444 12.07 7.27 13.30
C LEU A 444 12.11 5.78 13.00
N ASN A 445 13.18 5.37 12.34
CA ASN A 445 13.50 3.95 12.16
C ASN A 445 14.96 3.71 12.49
N VAL A 446 15.22 2.66 13.27
CA VAL A 446 16.56 2.33 13.72
C VAL A 446 16.79 0.85 13.48
N GLU A 447 18.00 0.49 13.05
CA GLU A 447 18.34 -0.92 12.96
C GLU A 447 19.81 -1.09 13.34
N THR A 448 20.19 -2.32 13.67
CA THR A 448 21.57 -2.61 14.02
C THR A 448 22.03 -3.88 13.34
N ARG A 449 23.35 -4.09 13.37
CA ARG A 449 23.95 -5.32 12.85
C ARG A 449 23.91 -6.36 13.96
N GLY A 450 22.73 -6.94 14.15
CA GLY A 450 22.55 -8.08 15.03
C GLY A 450 22.70 -7.79 16.50
N ASP A 451 22.52 -6.54 16.92
CA ASP A 451 22.72 -6.11 18.31
C ASP A 451 21.42 -5.54 18.86
N ALA A 452 20.68 -6.36 19.59
CA ALA A 452 19.42 -5.93 20.18
C ALA A 452 19.64 -4.87 21.26
N ALA A 453 20.75 -4.96 22.01
CA ALA A 453 20.98 -4.00 23.08
C ALA A 453 21.29 -2.63 22.51
N LEU A 454 22.15 -2.57 21.50
CA LEU A 454 22.44 -1.29 20.86
C LEU A 454 21.19 -0.71 20.22
N LEU A 455 20.31 -1.58 19.70
CA LEU A 455 19.06 -1.10 19.13
C LEU A 455 18.26 -0.33 20.16
N GLU A 456 18.16 -0.89 21.36
CA GLU A 456 17.30 -0.28 22.39
C GLU A 456 17.92 0.99 22.92
N THR A 457 19.20 0.97 23.29
CA THR A 457 19.79 2.18 23.85
C THR A 457 19.76 3.31 22.83
N ARG A 458 19.94 3.00 21.55
CA ARG A 458 19.99 4.09 20.58
C ARG A 458 18.59 4.60 20.27
N THR A 459 17.60 3.71 20.17
CA THR A 459 16.22 4.15 20.01
C THR A 459 15.79 5.06 21.16
N GLN A 460 16.04 4.63 22.39
CA GLN A 460 15.69 5.45 23.54
C GLN A 460 16.47 6.77 23.56
N GLU A 461 17.77 6.71 23.26
CA GLU A 461 18.57 7.93 23.23
C GLU A 461 18.00 8.92 22.21
N ILE A 462 17.64 8.44 21.03
CA ILE A 462 17.09 9.33 20.00
C ILE A 462 15.72 9.81 20.42
N SER A 463 14.88 8.90 20.92
CA SER A 463 13.55 9.26 21.39
C SER A 463 13.59 10.39 22.40
N ASN A 464 14.48 10.28 23.40
CA ASN A 464 14.62 11.33 24.39
C ASN A 464 15.03 12.65 23.75
N LEU A 465 15.92 12.60 22.74
CA LEU A 465 16.35 13.82 22.07
C LEU A 465 15.19 14.48 21.32
N LEU A 466 14.36 13.68 20.66
CA LEU A 466 13.27 14.24 19.87
C LEU A 466 12.21 14.85 20.78
N ARG A 467 11.96 14.19 21.92
CA ARG A 467 11.03 14.63 22.95
C ARG A 467 11.58 15.78 23.79
N GLY A 468 12.82 16.21 23.55
CA GLY A 468 13.41 17.32 24.29
C GLY A 468 12.82 18.67 23.95
#